data_3R26
#
_entry.id   3R26
#
_cell.length_a   81.589
_cell.length_b   81.589
_cell.length_c   80.624
_cell.angle_alpha   90.00
_cell.angle_beta   90.00
_cell.angle_gamma   120.00
#
_symmetry.space_group_name_H-M   'P 32 2 1'
#
loop_
_entity.id
_entity.type
_entity.pdbx_description
1 polymer 'Molybdate-binding periplasmic protein'
2 non-polymer PERRHENATE
3 water water
#
_entity_poly.entity_id   1
_entity_poly.type   'polypeptide(L)'
_entity_poly.pdbx_seq_one_letter_code
;GSHMDEGKITVFAAASLTNAMQDIATQFKKEKGVDVVSSFASSSTLARQIEAGAPADLFISADQKWMDYAVDKKAIDTAT
RQTLLGNSLVVVAPKASVQKDFTIDSKTNWTSLLNGGRLAVGDPEHVPAGIYAKEALQKLGAWDTLSPKLAPAEDVRGAL
ALVERNEAPLGIVYGSDAVASKGVKVVATFPEDSHKKVEYPVAVVEGHNNATVKAFYDYLKGPQAAEIFKRYGFTIK
;
_entity_poly.pdbx_strand_id   A
#
loop_
_chem_comp.id
_chem_comp.type
_chem_comp.name
_chem_comp.formula
REO non-polymer PERRHENATE 'O4 Re -1'
#
# COMPACT_ATOMS: atom_id res chain seq x y z
N GLY A 7 6.88 14.35 22.98
N GLY A 7 5.30 14.46 22.81
CA GLY A 7 6.89 12.89 23.33
CA GLY A 7 5.74 13.06 23.12
C GLY A 7 7.07 11.98 22.11
C GLY A 7 6.34 12.30 21.93
N LYS A 8 6.21 10.97 21.99
CA LYS A 8 6.42 9.98 20.87
C LYS A 8 5.14 9.42 20.26
N ILE A 9 5.09 9.18 18.94
CA ILE A 9 3.83 8.68 18.32
C ILE A 9 4.17 7.41 17.55
N THR A 10 3.30 6.40 17.57
CA THR A 10 3.54 5.15 16.84
C THR A 10 2.47 5.05 15.75
N VAL A 11 2.91 4.96 14.51
CA VAL A 11 1.99 4.79 13.40
C VAL A 11 2.16 3.42 12.81
N PHE A 12 1.03 2.72 12.61
CA PHE A 12 1.02 1.47 11.84
C PHE A 12 0.54 1.82 10.45
N ALA A 13 1.42 1.60 9.45
CA ALA A 13 1.11 2.04 8.07
C ALA A 13 1.37 0.93 7.07
N ALA A 14 0.43 0.79 6.13
CA ALA A 14 0.57 -0.06 4.96
C ALA A 14 1.98 0.09 4.42
N ALA A 15 2.59 -1.01 3.95
CA ALA A 15 4.05 -1.00 3.56
C ALA A 15 4.27 -0.02 2.39
N SER A 16 3.26 0.14 1.52
CA SER A 16 3.41 1.16 0.43
C SER A 16 3.65 2.59 0.89
N LEU A 17 3.30 2.92 2.16
CA LEU A 17 3.55 4.24 2.66
C LEU A 17 4.98 4.45 3.16
N THR A 18 5.87 3.45 3.07
CA THR A 18 7.16 3.52 3.72
C THR A 18 7.92 4.90 3.54
N ASN A 19 8.24 5.26 2.29
CA ASN A 19 9.15 6.35 2.01
C ASN A 19 8.42 7.69 2.39
N ALA A 20 7.14 7.81 2.01
CA ALA A 20 6.36 9.01 2.28
C ALA A 20 6.30 9.26 3.80
N MET A 21 5.96 8.22 4.54
CA MET A 21 5.85 8.37 6.02
C MET A 21 7.19 8.65 6.67
N GLN A 22 8.27 8.05 6.16
CA GLN A 22 9.58 8.34 6.72
C GLN A 22 9.88 9.86 6.55
N ASP A 23 9.60 10.41 5.38
CA ASP A 23 9.92 11.84 5.14
C ASP A 23 8.98 12.76 5.96
N ILE A 24 7.73 12.33 6.05
CA ILE A 24 6.78 13.08 6.88
C ILE A 24 7.23 13.10 8.34
N ALA A 25 7.64 11.95 8.88
CA ALA A 25 8.15 11.89 10.26
C ALA A 25 9.35 12.82 10.46
N THR A 26 10.24 12.83 9.45
CA THR A 26 11.40 13.68 9.51
C THR A 26 10.98 15.16 9.64
N GLN A 27 10.08 15.58 8.79
CA GLN A 27 9.73 16.97 8.75
C GLN A 27 8.95 17.34 10.02
N PHE A 28 8.05 16.43 10.45
CA PHE A 28 7.28 16.71 11.65
C PHE A 28 8.16 16.87 12.90
N LYS A 29 9.21 16.04 12.99
CA LYS A 29 10.14 16.17 14.10
C LYS A 29 10.83 17.54 14.02
N LYS A 30 11.23 17.91 12.81
CA LYS A 30 11.97 19.16 12.58
C LYS A 30 11.11 20.37 13.01
N GLU A 31 9.85 20.34 12.63
CA GLU A 31 9.07 21.53 12.82
C GLU A 31 8.32 21.57 14.13
N LYS A 32 8.05 20.41 14.72
CA LYS A 32 7.31 20.32 15.98
C LYS A 32 7.96 19.62 17.15
N GLY A 33 9.10 18.93 17.00
CA GLY A 33 9.81 18.24 18.10
C GLY A 33 9.40 16.83 18.47
N VAL A 34 8.39 16.24 17.79
CA VAL A 34 7.83 14.98 18.23
C VAL A 34 8.37 13.85 17.36
N ASP A 35 8.76 12.75 17.99
CA ASP A 35 9.29 11.62 17.25
C ASP A 35 8.14 10.72 16.80
N VAL A 36 8.06 10.47 15.50
CA VAL A 36 7.05 9.55 14.96
C VAL A 36 7.75 8.31 14.48
N VAL A 37 7.34 7.17 15.02
CA VAL A 37 7.96 5.86 14.72
C VAL A 37 6.89 5.03 14.03
N SER A 38 7.19 4.65 12.79
CA SER A 38 6.23 3.82 12.05
C SER A 38 6.60 2.38 11.93
N SER A 39 5.57 1.50 11.94
CA SER A 39 5.72 0.12 11.59
CA SER A 39 5.73 0.11 11.57
C SER A 39 5.07 -0.08 10.21
N PHE A 40 5.83 -0.63 9.27
CA PHE A 40 5.35 -0.82 7.90
C PHE A 40 5.19 -2.28 7.59
N ALA A 41 4.00 -2.68 7.14
CA ALA A 41 3.72 -4.10 6.88
C ALA A 41 2.42 -4.18 6.10
N SER A 42 1.98 -5.39 5.77
CA SER A 42 0.67 -5.44 5.06
C SER A 42 -0.39 -4.85 6.09
N SER A 43 -1.34 -4.09 5.56
CA SER A 43 -2.44 -3.49 6.37
C SER A 43 -3.20 -4.56 7.16
N SER A 44 -3.31 -5.78 6.58
CA SER A 44 -4.00 -6.93 7.21
C SER A 44 -3.25 -7.31 8.54
N THR A 45 -1.94 -7.48 8.43
CA THR A 45 -1.08 -7.82 9.55
C THR A 45 -1.23 -6.75 10.66
N LEU A 46 -1.20 -5.49 10.27
CA LEU A 46 -1.21 -4.35 11.21
C LEU A 46 -2.61 -4.27 11.88
N ALA A 47 -3.68 -4.44 11.08
CA ALA A 47 -5.06 -4.39 11.69
C ALA A 47 -5.20 -5.54 12.74
N ARG A 48 -4.69 -6.73 12.43
CA ARG A 48 -4.73 -7.86 13.37
C ARG A 48 -3.87 -7.56 14.64
N GLN A 49 -2.70 -6.89 14.47
CA GLN A 49 -1.85 -6.51 15.62
C GLN A 49 -2.61 -5.56 16.51
N ILE A 50 -3.29 -4.61 15.87
CA ILE A 50 -4.07 -3.60 16.64
C ILE A 50 -5.24 -4.26 17.38
N GLU A 51 -5.97 -5.16 16.70
CA GLU A 51 -7.02 -5.93 17.37
C GLU A 51 -6.47 -6.66 18.62
N ALA A 52 -5.28 -7.23 18.49
CA ALA A 52 -4.69 -8.05 19.58
C ALA A 52 -4.27 -7.15 20.76
N GLY A 53 -4.12 -5.83 20.54
CA GLY A 53 -3.67 -4.90 21.60
C GLY A 53 -2.35 -4.16 21.41
N ALA A 54 -1.73 -4.21 20.21
CA ALA A 54 -0.53 -3.47 19.96
C ALA A 54 -0.87 -2.01 20.16
N PRO A 55 -0.02 -1.29 20.86
CA PRO A 55 -0.35 0.09 21.22
C PRO A 55 0.02 1.14 20.16
N ALA A 56 -0.46 0.94 18.94
CA ALA A 56 -0.30 1.91 17.88
C ALA A 56 -1.17 3.12 18.22
N ASP A 57 -0.72 4.33 17.84
CA ASP A 57 -1.57 5.54 17.91
C ASP A 57 -2.47 5.78 16.69
N LEU A 58 -1.94 5.51 15.48
CA LEU A 58 -2.69 5.75 14.26
CA LEU A 58 -2.66 5.76 14.25
C LEU A 58 -2.53 4.54 13.40
N PHE A 59 -3.51 4.32 12.53
CA PHE A 59 -3.45 3.19 11.57
C PHE A 59 -3.79 3.80 10.22
N ILE A 60 -2.96 3.55 9.19
CA ILE A 60 -3.32 3.89 7.82
C ILE A 60 -3.27 2.65 6.98
N SER A 61 -4.44 2.28 6.43
CA SER A 61 -4.61 1.04 5.66
C SER A 61 -4.48 1.35 4.18
N ALA A 62 -4.04 0.35 3.37
CA ALA A 62 -4.05 0.47 1.90
C ALA A 62 -5.38 0.04 1.30
N ASP A 63 -6.37 -0.27 2.17
CA ASP A 63 -7.71 -0.54 1.73
C ASP A 63 -8.73 -0.18 2.82
N GLN A 64 -10.00 -0.11 2.41
CA GLN A 64 -11.10 0.09 3.32
C GLN A 64 -11.31 -1.16 4.12
N LYS A 65 -11.14 -2.34 3.48
CA LYS A 65 -11.39 -3.63 4.12
C LYS A 65 -10.74 -3.79 5.50
N TRP A 66 -9.44 -3.54 5.61
CA TRP A 66 -8.80 -3.87 6.88
C TRP A 66 -9.07 -2.77 7.96
N MET A 67 -9.46 -1.57 7.53
CA MET A 67 -9.89 -0.51 8.50
C MET A 67 -11.25 -0.95 9.00
N ASP A 68 -12.13 -1.38 8.10
CA ASP A 68 -13.43 -1.91 8.52
C ASP A 68 -13.30 -3.02 9.57
N TYR A 69 -12.36 -3.90 9.34
CA TYR A 69 -12.06 -5.03 10.21
C TYR A 69 -11.68 -4.41 11.59
N ALA A 70 -10.72 -3.47 11.62
CA ALA A 70 -10.30 -2.90 12.96
C ALA A 70 -11.48 -2.15 13.65
N VAL A 71 -12.29 -1.44 12.86
CA VAL A 71 -13.49 -0.77 13.44
C VAL A 71 -14.46 -1.74 14.03
N ASP A 72 -14.72 -2.85 13.33
CA ASP A 72 -15.63 -3.89 13.81
C ASP A 72 -15.19 -4.56 15.10
N LYS A 73 -13.88 -4.61 15.33
CA LYS A 73 -13.31 -5.11 16.56
C LYS A 73 -13.24 -4.06 17.69
N LYS A 74 -13.80 -2.85 17.47
CA LYS A 74 -13.88 -1.79 18.53
C LYS A 74 -12.48 -1.20 18.83
N ALA A 75 -11.60 -1.30 17.84
CA ALA A 75 -10.20 -0.93 18.03
C ALA A 75 -9.88 0.44 17.51
N ILE A 76 -10.87 1.13 16.94
CA ILE A 76 -10.58 2.37 16.27
C ILE A 76 -11.47 3.51 16.85
N ASP A 77 -10.94 4.74 16.90
CA ASP A 77 -11.74 5.88 17.29
C ASP A 77 -12.48 6.28 15.98
N THR A 78 -13.72 5.82 15.85
CA THR A 78 -14.32 5.73 14.50
C THR A 78 -14.61 7.12 13.94
N ALA A 79 -14.92 8.12 14.81
CA ALA A 79 -15.17 9.49 14.34
C ALA A 79 -13.96 10.08 13.60
N THR A 80 -12.78 9.51 13.87
CA THR A 80 -11.54 10.03 13.18
C THR A 80 -11.28 9.43 11.80
N ARG A 81 -12.03 8.39 11.49
CA ARG A 81 -11.71 7.62 10.24
C ARG A 81 -11.98 8.53 9.01
N GLN A 82 -11.00 8.62 8.12
CA GLN A 82 -11.19 9.45 6.91
C GLN A 82 -10.37 8.84 5.78
N THR A 83 -10.91 8.89 4.58
CA THR A 83 -10.10 8.38 3.42
C THR A 83 -9.06 9.43 3.09
N LEU A 84 -7.78 9.06 3.09
CA LEU A 84 -6.71 10.01 2.98
C LEU A 84 -6.13 10.09 1.56
N LEU A 85 -5.93 8.93 0.95
CA LEU A 85 -5.10 8.88 -0.29
C LEU A 85 -5.78 7.95 -1.26
N GLY A 86 -5.45 8.14 -2.54
CA GLY A 86 -5.70 7.13 -3.55
C GLY A 86 -4.41 6.70 -4.26
N ASN A 87 -4.54 5.77 -5.23
CA ASN A 87 -3.33 5.20 -5.88
C ASN A 87 -3.87 4.46 -7.12
N SER A 88 -2.94 4.10 -8.01
CA SER A 88 -3.25 3.25 -9.16
C SER A 88 -2.72 1.82 -8.88
N LEU A 89 -3.19 0.82 -9.64
CA LEU A 89 -2.59 -0.52 -9.56
C LEU A 89 -1.84 -0.70 -10.89
N VAL A 90 -0.56 -1.09 -10.80
CA VAL A 90 0.25 -1.19 -12.01
C VAL A 90 0.95 -2.50 -12.17
N VAL A 91 1.43 -2.78 -13.41
CA VAL A 91 2.42 -3.83 -13.49
C VAL A 91 3.81 -3.16 -13.65
N VAL A 92 4.82 -3.69 -12.98
CA VAL A 92 6.19 -3.21 -13.08
C VAL A 92 7.19 -4.30 -13.55
N ALA A 93 8.24 -3.86 -14.25
CA ALA A 93 9.34 -4.73 -14.62
C ALA A 93 10.71 -4.23 -14.16
N PRO A 94 11.75 -5.11 -14.00
CA PRO A 94 13.06 -4.57 -13.61
C PRO A 94 13.52 -3.44 -14.61
N LYS A 95 14.25 -2.46 -14.09
CA LYS A 95 14.46 -1.17 -14.79
C LYS A 95 15.07 -1.49 -16.18
N ALA A 96 16.06 -2.37 -16.09
CA ALA A 96 16.94 -2.84 -17.18
C ALA A 96 16.25 -3.82 -18.18
N SER A 97 15.26 -4.59 -17.72
CA SER A 97 14.49 -5.45 -18.63
C SER A 97 14.02 -4.75 -19.94
N VAL A 98 13.95 -5.51 -21.05
CA VAL A 98 13.50 -4.94 -22.32
C VAL A 98 12.00 -5.09 -22.54
N GLN A 99 11.31 -5.59 -21.52
CA GLN A 99 9.85 -5.67 -21.62
C GLN A 99 9.27 -4.35 -22.06
N LYS A 100 8.39 -4.39 -23.07
CA LYS A 100 7.72 -3.22 -23.63
C LYS A 100 6.52 -2.88 -22.77
N ASP A 101 6.00 -1.67 -22.92
CA ASP A 101 4.72 -1.37 -22.38
C ASP A 101 3.70 -2.30 -22.96
N PHE A 102 2.66 -2.67 -22.20
CA PHE A 102 1.55 -3.37 -22.78
C PHE A 102 0.21 -2.89 -22.26
N THR A 103 -0.86 -3.31 -22.92
CA THR A 103 -2.20 -2.93 -22.49
C THR A 103 -2.86 -4.10 -21.67
N ILE A 104 -3.65 -3.75 -20.64
CA ILE A 104 -4.33 -4.75 -19.84
C ILE A 104 -5.83 -4.80 -20.21
N ASP A 105 -6.29 -5.94 -20.75
CA ASP A 105 -7.72 -6.20 -21.07
C ASP A 105 -8.01 -7.72 -21.00
N SER A 106 -9.20 -8.13 -21.44
CA SER A 106 -9.54 -9.55 -21.31
C SER A 106 -8.67 -10.46 -22.23
N LYS A 107 -7.90 -9.85 -23.16
CA LYS A 107 -7.12 -10.63 -24.15
C LYS A 107 -5.61 -10.50 -23.94
N THR A 108 -5.18 -9.82 -22.88
CA THR A 108 -3.78 -9.73 -22.57
C THR A 108 -3.09 -11.12 -22.43
N ASN A 109 -1.94 -11.25 -23.07
CA ASN A 109 -1.29 -12.55 -23.11
C ASN A 109 -0.29 -12.72 -21.98
N TRP A 110 -0.85 -12.95 -20.78
CA TRP A 110 -0.02 -12.96 -19.62
C TRP A 110 0.97 -14.06 -19.66
N THR A 111 0.54 -15.22 -20.15
CA THR A 111 1.40 -16.38 -20.31
C THR A 111 2.66 -15.97 -21.12
N SER A 112 2.45 -15.32 -22.26
CA SER A 112 3.57 -14.87 -23.12
C SER A 112 4.54 -13.89 -22.43
N LEU A 113 3.93 -12.92 -21.76
CA LEU A 113 4.68 -11.85 -21.05
C LEU A 113 5.61 -12.40 -19.95
N LEU A 114 5.11 -13.39 -19.21
CA LEU A 114 5.89 -14.00 -18.15
C LEU A 114 7.05 -14.88 -18.62
N ASN A 115 6.83 -15.56 -19.75
CA ASN A 115 7.91 -16.36 -20.35
C ASN A 115 8.50 -17.33 -19.32
N GLY A 116 7.62 -18.09 -18.66
CA GLY A 116 8.10 -19.05 -17.69
C GLY A 116 8.51 -18.49 -16.32
N GLY A 117 8.47 -17.13 -16.16
CA GLY A 117 8.76 -16.51 -14.83
C GLY A 117 7.47 -16.39 -13.98
N ARG A 118 7.65 -16.00 -12.73
CA ARG A 118 6.48 -15.75 -11.82
C ARG A 118 6.03 -14.32 -11.83
N LEU A 119 4.76 -14.09 -11.45
CA LEU A 119 4.24 -12.75 -11.36
C LEU A 119 4.24 -12.38 -9.83
N ALA A 120 5.15 -11.48 -9.40
CA ALA A 120 5.22 -11.05 -7.97
C ALA A 120 3.96 -10.28 -7.62
N VAL A 121 3.38 -10.65 -6.50
CA VAL A 121 2.13 -9.97 -6.01
C VAL A 121 2.20 -9.88 -4.51
N GLY A 122 1.53 -8.88 -3.92
CA GLY A 122 1.22 -8.99 -2.49
C GLY A 122 0.39 -10.24 -2.29
N ASP A 123 0.58 -10.98 -1.22
CA ASP A 123 -0.22 -12.24 -1.06
C ASP A 123 -1.72 -11.94 -1.25
N PRO A 124 -2.38 -12.54 -2.26
CA PRO A 124 -3.76 -12.15 -2.53
C PRO A 124 -4.75 -12.74 -1.47
N GLU A 125 -4.26 -13.61 -0.60
CA GLU A 125 -5.09 -14.13 0.54
C GLU A 125 -5.37 -13.01 1.55
N HIS A 126 -4.51 -11.99 1.65
N HIS A 126 -4.53 -11.98 1.64
CA HIS A 126 -4.76 -10.95 2.67
CA HIS A 126 -4.83 -10.90 2.62
C HIS A 126 -4.13 -9.58 2.45
C HIS A 126 -4.17 -9.55 2.40
N VAL A 127 -3.07 -9.48 1.62
CA VAL A 127 -2.40 -8.17 1.46
C VAL A 127 -3.28 -7.34 0.55
N PRO A 128 -3.61 -6.08 0.89
CA PRO A 128 -4.51 -5.24 0.05
C PRO A 128 -4.00 -5.26 -1.40
N ALA A 129 -2.67 -5.15 -1.65
CA ALA A 129 -2.23 -5.04 -3.08
C ALA A 129 -2.55 -6.36 -3.80
N GLY A 130 -2.51 -7.45 -3.03
CA GLY A 130 -2.81 -8.77 -3.63
C GLY A 130 -4.33 -8.90 -3.86
N ILE A 131 -5.12 -8.41 -2.92
CA ILE A 131 -6.60 -8.48 -3.04
C ILE A 131 -7.08 -7.65 -4.25
N TYR A 132 -6.55 -6.42 -4.38
CA TYR A 132 -6.84 -5.64 -5.54
C TYR A 132 -6.44 -6.31 -6.86
N ALA A 133 -5.27 -6.92 -6.85
CA ALA A 133 -4.75 -7.62 -8.04
C ALA A 133 -5.68 -8.81 -8.39
N LYS A 134 -5.99 -9.64 -7.41
CA LYS A 134 -6.89 -10.77 -7.68
C LYS A 134 -8.28 -10.36 -8.20
N GLU A 135 -8.90 -9.33 -7.61
CA GLU A 135 -10.15 -8.88 -8.05
C GLU A 135 -10.06 -8.48 -9.56
N ALA A 136 -9.01 -7.75 -9.94
CA ALA A 136 -8.81 -7.35 -11.32
C ALA A 136 -8.63 -8.54 -12.26
N LEU A 137 -7.73 -9.44 -11.92
CA LEU A 137 -7.46 -10.62 -12.76
C LEU A 137 -8.67 -11.55 -12.85
N GLN A 138 -9.47 -11.64 -11.79
CA GLN A 138 -10.76 -12.34 -11.89
C GLN A 138 -11.72 -11.66 -12.82
N LYS A 139 -11.79 -10.33 -12.73
CA LYS A 139 -12.70 -9.55 -13.60
C LYS A 139 -12.36 -9.78 -15.09
N LEU A 140 -11.06 -9.83 -15.37
CA LEU A 140 -10.48 -9.88 -16.73
C LEU A 140 -10.39 -11.31 -17.28
N GLY A 141 -10.73 -12.29 -16.45
CA GLY A 141 -10.73 -13.72 -16.82
C GLY A 141 -9.36 -14.32 -16.89
N ALA A 142 -8.39 -13.66 -16.23
CA ALA A 142 -6.98 -14.13 -16.25
C ALA A 142 -6.59 -14.94 -15.01
N TRP A 143 -7.42 -14.96 -13.99
CA TRP A 143 -7.02 -15.57 -12.73
C TRP A 143 -6.65 -17.03 -12.82
N ASP A 144 -7.44 -17.84 -13.52
CA ASP A 144 -7.19 -19.28 -13.51
C ASP A 144 -5.84 -19.57 -14.20
N THR A 145 -5.51 -18.74 -15.17
CA THR A 145 -4.17 -18.80 -15.87
C THR A 145 -2.99 -18.36 -15.04
N LEU A 146 -3.20 -17.28 -14.31
CA LEU A 146 -2.13 -16.65 -13.52
C LEU A 146 -1.95 -17.18 -12.10
N SER A 147 -3.04 -17.64 -11.47
CA SER A 147 -2.88 -18.12 -10.05
C SER A 147 -1.79 -19.17 -9.85
N PRO A 148 -1.56 -20.07 -10.88
CA PRO A 148 -0.47 -21.01 -10.64
C PRO A 148 0.92 -20.38 -10.80
N LYS A 149 0.98 -19.15 -11.30
CA LYS A 149 2.25 -18.54 -11.70
C LYS A 149 2.63 -17.44 -10.76
N LEU A 150 1.91 -17.29 -9.65
CA LEU A 150 2.26 -16.19 -8.74
C LEU A 150 3.52 -16.39 -7.89
N ALA A 151 4.16 -15.27 -7.48
CA ALA A 151 5.16 -15.26 -6.44
C ALA A 151 4.65 -14.33 -5.36
N PRO A 152 3.87 -14.87 -4.40
CA PRO A 152 3.24 -13.96 -3.42
C PRO A 152 4.29 -13.43 -2.44
N ALA A 153 3.98 -12.31 -1.75
CA ALA A 153 4.98 -11.72 -0.87
C ALA A 153 4.25 -11.26 0.42
N GLU A 154 5.00 -11.02 1.51
CA GLU A 154 4.36 -10.66 2.80
C GLU A 154 3.69 -9.32 2.70
N ASP A 155 4.15 -8.44 1.81
CA ASP A 155 3.44 -7.16 1.61
C ASP A 155 3.85 -6.63 0.23
N VAL A 156 3.33 -5.48 -0.15
CA VAL A 156 3.50 -5.04 -1.55
C VAL A 156 4.97 -4.66 -1.78
N ARG A 157 5.65 -4.27 -0.70
CA ARG A 157 7.12 -3.99 -0.88
C ARG A 157 7.97 -5.24 -1.02
N GLY A 158 7.51 -6.38 -0.48
CA GLY A 158 8.27 -7.59 -0.72
C GLY A 158 8.06 -7.96 -2.20
N ALA A 159 6.84 -7.78 -2.73
CA ALA A 159 6.64 -8.05 -4.17
C ALA A 159 7.50 -7.11 -5.07
N LEU A 160 7.52 -5.83 -4.74
CA LEU A 160 8.42 -4.88 -5.38
C LEU A 160 9.88 -5.35 -5.36
N ALA A 161 10.36 -5.86 -4.22
CA ALA A 161 11.77 -6.24 -4.06
C ALA A 161 12.05 -7.45 -5.01
N LEU A 162 11.09 -8.36 -5.15
CA LEU A 162 11.29 -9.51 -6.11
C LEU A 162 11.60 -9.05 -7.54
N VAL A 163 10.84 -8.06 -8.01
CA VAL A 163 11.04 -7.46 -9.33
C VAL A 163 12.36 -6.68 -9.41
N GLU A 164 12.58 -5.81 -8.42
CA GLU A 164 13.91 -5.14 -8.33
C GLU A 164 15.10 -6.10 -8.47
N ARG A 165 15.04 -7.26 -7.80
CA ARG A 165 16.11 -8.19 -7.89
C ARG A 165 16.06 -9.10 -9.13
N ASN A 166 15.16 -8.84 -10.05
CA ASN A 166 14.90 -9.75 -11.20
C ASN A 166 14.72 -11.22 -10.74
N GLU A 167 13.98 -11.41 -9.66
CA GLU A 167 13.59 -12.74 -9.18
C GLU A 167 12.24 -13.11 -9.75
N ALA A 168 11.57 -12.10 -10.30
CA ALA A 168 10.29 -12.21 -11.03
C ALA A 168 10.37 -11.19 -12.08
N PRO A 169 9.95 -11.53 -13.31
CA PRO A 169 10.09 -10.54 -14.37
C PRO A 169 8.99 -9.47 -14.43
N LEU A 170 7.85 -9.70 -13.75
CA LEU A 170 6.77 -8.71 -13.72
C LEU A 170 6.21 -8.84 -12.28
N GLY A 171 5.65 -7.75 -11.79
CA GLY A 171 4.92 -7.81 -10.48
C GLY A 171 3.83 -6.79 -10.47
N ILE A 172 2.80 -7.00 -9.62
CA ILE A 172 1.65 -6.03 -9.52
C ILE A 172 1.84 -5.26 -8.21
N VAL A 173 1.99 -3.95 -8.33
CA VAL A 173 2.32 -3.14 -7.11
C VAL A 173 1.51 -1.85 -7.33
N TYR A 174 1.61 -0.86 -6.43
CA TYR A 174 0.85 0.40 -6.66
C TYR A 174 1.71 1.31 -7.50
N GLY A 175 1.08 2.24 -8.18
CA GLY A 175 1.82 3.31 -8.93
C GLY A 175 2.84 3.97 -8.02
N SER A 176 2.46 4.24 -6.76
CA SER A 176 3.44 4.90 -5.86
C SER A 176 4.68 4.06 -5.58
N ASP A 177 4.52 2.72 -5.63
CA ASP A 177 5.68 1.88 -5.37
C ASP A 177 6.74 2.04 -6.47
N ALA A 178 6.26 2.24 -7.69
CA ALA A 178 7.18 2.49 -8.89
C ALA A 178 7.94 3.82 -8.69
N VAL A 179 7.22 4.86 -8.23
CA VAL A 179 7.92 6.11 -7.85
C VAL A 179 9.01 5.94 -6.80
N ALA A 180 8.74 5.20 -5.73
CA ALA A 180 9.72 4.96 -4.68
C ALA A 180 10.96 4.11 -5.05
N SER A 181 10.84 3.29 -6.10
CA SER A 181 11.90 2.35 -6.44
C SER A 181 12.80 2.87 -7.56
N LYS A 182 14.10 2.75 -7.38
CA LYS A 182 15.05 3.07 -8.42
C LYS A 182 15.31 1.85 -9.32
N GLY A 183 14.63 0.73 -9.06
CA GLY A 183 14.96 -0.52 -9.75
C GLY A 183 13.93 -1.11 -10.67
N VAL A 184 12.80 -0.42 -10.89
CA VAL A 184 11.73 -1.00 -11.64
C VAL A 184 11.19 0.08 -12.52
N LYS A 185 10.37 -0.29 -13.53
CA LYS A 185 9.63 0.68 -14.32
C LYS A 185 8.26 0.13 -14.57
N VAL A 186 7.31 1.05 -14.77
CA VAL A 186 5.93 0.70 -15.00
C VAL A 186 5.79 0.27 -16.43
N VAL A 187 5.15 -0.89 -16.69
CA VAL A 187 4.97 -1.36 -18.07
C VAL A 187 3.50 -1.48 -18.43
N ALA A 188 2.60 -1.46 -17.42
CA ALA A 188 1.16 -1.39 -17.68
C ALA A 188 0.38 -0.82 -16.47
N THR A 189 -0.82 -0.31 -16.72
CA THR A 189 -1.71 0.13 -15.64
C THR A 189 -3.07 -0.54 -15.70
N PHE A 190 -3.58 -1.05 -14.58
CA PHE A 190 -4.87 -1.69 -14.61
C PHE A 190 -5.97 -0.66 -14.84
N PRO A 191 -6.95 -0.99 -15.70
CA PRO A 191 -8.09 -0.10 -15.83
C PRO A 191 -8.76 0.08 -14.46
N GLU A 192 -9.17 1.32 -14.15
CA GLU A 192 -9.83 1.58 -12.87
C GLU A 192 -11.11 0.76 -12.69
N ASP A 193 -11.80 0.41 -13.80
CA ASP A 193 -13.05 -0.33 -13.69
C ASP A 193 -12.85 -1.85 -13.44
N SER A 194 -11.60 -2.29 -13.42
CA SER A 194 -11.29 -3.71 -13.11
C SER A 194 -11.24 -4.09 -11.63
N HIS A 195 -11.27 -3.07 -10.77
CA HIS A 195 -11.11 -3.35 -9.34
C HIS A 195 -11.64 -2.22 -8.50
N LYS A 196 -11.82 -2.50 -7.22
CA LYS A 196 -12.31 -1.46 -6.27
C LYS A 196 -11.28 -0.36 -6.26
N LYS A 197 -11.72 0.88 -6.10
CA LYS A 197 -10.78 1.99 -6.06
C LYS A 197 -9.76 1.79 -4.93
N VAL A 198 -8.50 2.04 -5.22
CA VAL A 198 -7.48 1.93 -4.20
C VAL A 198 -7.60 3.15 -3.29
N GLU A 199 -7.85 2.89 -2.00
CA GLU A 199 -8.11 4.00 -1.09
C GLU A 199 -7.47 3.69 0.22
N TYR A 200 -6.87 4.72 0.84
CA TYR A 200 -6.13 4.53 2.09
C TYR A 200 -6.84 5.32 3.21
N PRO A 201 -7.59 4.65 4.09
CA PRO A 201 -8.19 5.39 5.24
C PRO A 201 -7.17 5.54 6.34
N VAL A 202 -7.23 6.67 7.06
CA VAL A 202 -6.47 6.84 8.25
C VAL A 202 -7.44 6.93 9.44
N ALA A 203 -6.99 6.46 10.63
CA ALA A 203 -7.87 6.68 11.86
C ALA A 203 -6.94 6.65 13.09
N VAL A 204 -7.35 7.34 14.13
CA VAL A 204 -6.73 7.23 15.40
C VAL A 204 -7.20 5.92 16.07
N VAL A 205 -6.26 5.21 16.71
CA VAL A 205 -6.57 3.94 17.35
C VAL A 205 -7.36 4.22 18.66
N GLU A 206 -8.34 3.37 18.98
CA GLU A 206 -9.21 3.63 20.17
C GLU A 206 -8.29 3.73 21.41
N GLY A 207 -8.53 4.80 22.22
CA GLY A 207 -7.77 5.08 23.45
C GLY A 207 -6.53 5.88 23.21
N HIS A 208 -6.21 6.17 21.93
CA HIS A 208 -4.99 6.92 21.60
C HIS A 208 -5.26 8.31 21.10
N ASN A 209 -6.47 8.80 21.30
CA ASN A 209 -6.81 10.16 20.83
C ASN A 209 -6.50 11.18 21.96
N ASN A 210 -5.28 11.66 21.93
CA ASN A 210 -4.79 12.68 22.84
C ASN A 210 -4.23 13.82 21.98
N ALA A 211 -3.89 14.95 22.60
CA ALA A 211 -3.60 16.17 21.79
C ALA A 211 -2.35 15.93 20.95
N THR A 212 -1.41 15.13 21.46
CA THR A 212 -0.16 14.91 20.70
C THR A 212 -0.44 14.11 19.41
N VAL A 213 -1.19 13.01 19.55
CA VAL A 213 -1.50 12.11 18.42
C VAL A 213 -2.39 12.90 17.48
N LYS A 214 -3.38 13.58 18.02
CA LYS A 214 -4.26 14.34 17.17
C LYS A 214 -3.59 15.43 16.34
N ALA A 215 -2.53 16.05 16.85
CA ALA A 215 -1.82 17.08 16.07
C ALA A 215 -1.13 16.41 14.87
N PHE A 216 -0.65 15.20 15.07
CA PHE A 216 0.02 14.54 13.90
C PHE A 216 -0.99 14.00 12.93
N TYR A 217 -2.13 13.54 13.45
CA TYR A 217 -3.25 13.16 12.57
C TYR A 217 -3.60 14.38 11.70
N ASP A 218 -3.80 15.54 12.30
CA ASP A 218 -4.10 16.76 11.55
C ASP A 218 -3.01 17.10 10.53
N TYR A 219 -1.75 16.92 10.91
CA TYR A 219 -0.62 17.20 10.03
C TYR A 219 -0.64 16.31 8.78
N LEU A 220 -1.08 15.06 8.95
CA LEU A 220 -1.22 14.14 7.80
C LEU A 220 -2.21 14.60 6.78
N LYS A 221 -3.24 15.31 7.25
CA LYS A 221 -4.26 15.82 6.36
C LYS A 221 -3.89 17.20 5.87
N GLY A 222 -2.69 17.69 6.18
CA GLY A 222 -2.26 19.05 5.89
C GLY A 222 -1.40 19.20 4.62
N PRO A 223 -0.90 20.41 4.32
CA PRO A 223 -0.15 20.72 3.04
C PRO A 223 1.30 20.23 2.95
N GLN A 224 2.07 20.22 4.06
CA GLN A 224 3.40 19.66 4.04
C GLN A 224 3.32 18.14 3.72
N ALA A 225 2.45 17.43 4.43
CA ALA A 225 2.22 16.00 4.21
C ALA A 225 1.72 15.83 2.79
N ALA A 226 0.78 16.66 2.36
CA ALA A 226 0.20 16.44 1.01
C ALA A 226 1.32 16.52 -0.09
N GLU A 227 2.24 17.46 0.07
CA GLU A 227 3.38 17.65 -0.85
C GLU A 227 4.16 16.33 -0.97
N ILE A 228 4.39 15.73 0.20
CA ILE A 228 5.27 14.57 0.28
C ILE A 228 4.52 13.42 -0.34
N PHE A 229 3.29 13.27 0.06
CA PHE A 229 2.48 12.17 -0.54
C PHE A 229 2.40 12.27 -2.07
N LYS A 230 2.22 13.48 -2.58
CA LYS A 230 2.10 13.68 -4.04
C LYS A 230 3.38 13.34 -4.73
N ARG A 231 4.52 13.74 -4.15
CA ARG A 231 5.80 13.46 -4.83
C ARG A 231 6.11 11.97 -4.84
N TYR A 232 5.54 11.22 -3.90
CA TYR A 232 5.73 9.78 -3.86
C TYR A 232 4.68 8.97 -4.67
N GLY A 233 3.83 9.66 -5.41
CA GLY A 233 2.93 9.03 -6.38
C GLY A 233 1.57 8.66 -5.84
N PHE A 234 1.24 9.14 -4.61
CA PHE A 234 -0.18 9.07 -4.09
C PHE A 234 -1.05 10.20 -4.58
N THR A 235 -2.37 9.96 -4.69
CA THR A 235 -3.35 11.02 -5.01
C THR A 235 -4.03 11.44 -3.74
N ILE A 236 -4.31 12.71 -3.68
CA ILE A 236 -4.74 13.32 -2.42
C ILE A 236 -6.24 13.37 -2.47
N LYS A 237 -6.94 12.78 -1.47
CA LYS A 237 -8.43 12.71 -1.53
C LYS A 237 -8.96 14.04 -1.12
RE REO B . 0.07 -2.94 1.41
O12 REO B . 0.61 -1.38 1.13
O13 REO B . -1.04 -3.39 -0.04
O14 REO B . -0.94 -2.94 3.00
O15 REO B . 1.37 -4.12 1.51
#